data_5O3Q
#
_entry.id   5O3Q
#
_cell.length_a   64.386
_cell.length_b   64.386
_cell.length_c   81.459
_cell.angle_alpha   90.00
_cell.angle_beta   90.00
_cell.angle_gamma   120.00
#
_symmetry.space_group_name_H-M   'P 32'
#
loop_
_entity.id
_entity.type
_entity.pdbx_description
1 polymer 'Membrane-associated protein slr1513'
2 non-polymer "ADENOSINE-3',5'-CYCLIC-MONOPHOSPHATE"
3 non-polymer 'BICARBONATE ION'
4 water water
#
_entity_poly.entity_id   1
_entity_poly.type   'polypeptide(L)'
_entity_poly.pdbx_seq_one_letter_code
;MAKPANKLVIVTEKILLKKIAKIIDESGAKGYTVMNTGGKGSRNVRSSGQPNTSDIEANIKFEILTETREMAEEIADRVA
VKYFNDYAGIIYICSAEVLYGHTFCGPEGCSAWSHPQFEK
;
_entity_poly.pdbx_strand_id   A,B,C
#
# COMPACT_ATOMS: atom_id res chain seq x y z
N ALA A 2 -1.82 18.77 7.78
CA ALA A 2 -2.16 17.54 7.02
C ALA A 2 -3.64 17.55 6.73
N LYS A 3 -4.04 16.95 5.64
CA LYS A 3 -5.42 16.94 5.24
CA LYS A 3 -5.42 16.93 5.23
C LYS A 3 -5.91 15.51 5.28
N PRO A 4 -6.98 15.26 6.07
CA PRO A 4 -7.53 13.90 6.10
C PRO A 4 -7.98 13.43 4.71
N ALA A 5 -7.77 12.15 4.44
CA ALA A 5 -8.05 11.56 3.14
C ALA A 5 -8.53 10.13 3.31
N ASN A 6 -9.07 9.59 2.25
CA ASN A 6 -9.56 8.26 2.23
C ASN A 6 -8.78 7.60 1.09
N LYS A 7 -8.13 6.47 1.38
CA LYS A 7 -7.37 5.77 0.38
C LYS A 7 -8.16 4.55 -0.09
N LEU A 8 -8.69 4.65 -1.29
CA LEU A 8 -9.45 3.55 -1.88
C LEU A 8 -8.51 2.67 -2.72
N VAL A 9 -8.55 1.37 -2.52
CA VAL A 9 -7.76 0.45 -3.32
C VAL A 9 -8.66 -0.49 -4.05
N ILE A 10 -8.33 -0.71 -5.30
CA ILE A 10 -9.12 -1.61 -6.17
C ILE A 10 -8.08 -2.56 -6.77
N VAL A 11 -8.25 -3.85 -6.57
CA VAL A 11 -7.38 -4.82 -7.19
C VAL A 11 -8.26 -5.68 -8.07
N THR A 12 -7.96 -5.73 -9.35
CA THR A 12 -8.85 -6.42 -10.26
C THR A 12 -8.15 -6.83 -11.54
N GLU A 13 -8.93 -7.29 -12.52
CA GLU A 13 -8.34 -7.85 -13.74
C GLU A 13 -7.79 -6.73 -14.63
N LYS A 14 -6.63 -6.98 -15.26
CA LYS A 14 -5.88 -5.94 -16.00
C LYS A 14 -6.68 -5.39 -17.17
N ILE A 15 -7.49 -6.26 -17.77
CA ILE A 15 -8.32 -5.88 -18.92
C ILE A 15 -9.23 -4.70 -18.57
N LEU A 16 -9.53 -4.51 -17.28
CA LEU A 16 -10.41 -3.42 -16.86
C LEU A 16 -9.72 -2.06 -16.62
N LEU A 17 -8.41 -1.96 -16.87
CA LEU A 17 -7.66 -0.74 -16.58
C LEU A 17 -8.32 0.57 -17.08
N LYS A 18 -8.62 0.62 -18.36
CA LYS A 18 -9.21 1.82 -18.91
C LYS A 18 -10.66 2.07 -18.44
N LYS A 19 -11.48 1.04 -18.32
CA LYS A 19 -12.86 1.19 -17.80
C LYS A 19 -12.93 1.69 -16.36
N ILE A 20 -12.00 1.23 -15.53
CA ILE A 20 -11.96 1.76 -14.18
C ILE A 20 -11.42 3.18 -14.13
N ALA A 21 -10.36 3.49 -14.87
CA ALA A 21 -9.79 4.84 -14.89
C ALA A 21 -10.83 5.88 -15.32
N LYS A 22 -11.70 5.52 -16.27
CA LYS A 22 -12.81 6.40 -16.70
C LYS A 22 -13.75 6.70 -15.55
N ILE A 23 -14.10 5.66 -14.80
CA ILE A 23 -14.93 5.84 -13.61
C ILE A 23 -14.29 6.71 -12.52
N ILE A 24 -13.02 6.45 -12.19
CA ILE A 24 -12.32 7.32 -11.24
C ILE A 24 -12.40 8.83 -11.63
N ASP A 25 -12.01 9.14 -12.87
CA ASP A 25 -12.14 10.49 -13.39
C ASP A 25 -13.58 11.04 -13.28
N GLU A 26 -14.58 10.26 -13.65
CA GLU A 26 -15.98 10.72 -13.59
C GLU A 26 -16.50 10.98 -12.16
N SER A 27 -15.84 10.43 -11.14
CA SER A 27 -16.26 10.58 -9.77
C SER A 27 -15.89 11.92 -9.21
N GLY A 28 -14.99 12.65 -9.87
CA GLY A 28 -14.38 13.86 -9.29
C GLY A 28 -13.06 13.71 -8.54
N ALA A 29 -12.54 12.49 -8.43
CA ALA A 29 -11.25 12.30 -7.79
C ALA A 29 -10.17 13.09 -8.51
N LYS A 30 -9.18 13.58 -7.79
CA LYS A 30 -8.17 14.48 -8.37
C LYS A 30 -7.06 13.76 -9.07
N GLY A 31 -7.00 12.48 -8.86
CA GLY A 31 -5.98 11.63 -9.52
C GLY A 31 -5.97 10.21 -8.93
N TYR A 32 -5.09 9.39 -9.47
CA TYR A 32 -4.95 8.02 -9.05
C TYR A 32 -3.57 7.53 -9.40
N THR A 33 -3.20 6.42 -8.72
CA THR A 33 -2.04 5.68 -8.98
C THR A 33 -2.46 4.29 -9.39
N VAL A 34 -1.76 3.73 -10.34
CA VAL A 34 -2.09 2.36 -10.81
C VAL A 34 -0.80 1.59 -10.94
N MET A 35 -0.85 0.26 -10.70
CA MET A 35 0.37 -0.50 -10.85
C MET A 35 0.08 -1.90 -11.26
N ASN A 36 1.03 -2.54 -11.89
CA ASN A 36 0.89 -3.94 -12.30
C ASN A 36 1.24 -4.80 -11.11
N THR A 37 0.32 -5.70 -10.79
CA THR A 37 0.47 -6.63 -9.68
C THR A 37 0.17 -8.05 -10.09
N GLY A 38 0.31 -8.99 -9.18
CA GLY A 38 -0.01 -10.38 -9.37
C GLY A 38 -0.93 -10.74 -8.27
N GLY A 39 -1.86 -11.59 -8.54
CA GLY A 39 -2.86 -11.91 -7.54
C GLY A 39 -3.25 -13.37 -7.54
N LYS A 40 -3.62 -13.84 -6.36
CA LYS A 40 -4.30 -15.13 -6.18
C LYS A 40 -5.61 -14.85 -5.37
N GLY A 41 -6.71 -15.50 -5.72
CA GLY A 41 -7.98 -15.20 -5.03
C GLY A 41 -9.13 -16.05 -5.56
N SER A 54 2.32 -19.08 -9.89
CA SER A 54 1.91 -20.40 -10.43
C SER A 54 0.39 -20.35 -10.59
N ASP A 55 -0.35 -20.17 -9.50
CA ASP A 55 -1.75 -19.67 -9.58
C ASP A 55 -1.83 -18.11 -9.43
N ILE A 56 -0.68 -17.43 -9.52
CA ILE A 56 -0.62 -15.97 -9.59
C ILE A 56 -0.91 -15.55 -11.03
N GLU A 57 -1.91 -14.70 -11.17
CA GLU A 57 -2.30 -14.13 -12.45
C GLU A 57 -2.01 -12.62 -12.42
N ALA A 58 -1.59 -12.10 -13.57
CA ALA A 58 -1.18 -10.71 -13.69
C ALA A 58 -2.43 -9.93 -13.53
N ASN A 59 -2.39 -8.88 -12.74
CA ASN A 59 -3.53 -8.06 -12.51
C ASN A 59 -3.14 -6.61 -12.25
N ILE A 60 -4.06 -5.77 -11.85
CA ILE A 60 -3.79 -4.36 -11.58
C ILE A 60 -4.36 -3.89 -10.26
N LYS A 61 -3.67 -2.93 -9.68
CA LYS A 61 -4.05 -2.28 -8.46
C LYS A 61 -4.09 -0.75 -8.67
N PHE A 62 -5.24 -0.17 -8.30
CA PHE A 62 -5.45 1.26 -8.27
C PHE A 62 -5.48 1.72 -6.85
N GLU A 63 -4.90 2.88 -6.63
CA GLU A 63 -5.00 3.57 -5.35
C GLU A 63 -5.51 4.92 -5.65
N ILE A 64 -6.55 5.29 -4.96
CA ILE A 64 -7.20 6.60 -5.17
C ILE A 64 -7.42 7.30 -3.83
N LEU A 65 -6.80 8.48 -3.64
CA LEU A 65 -7.02 9.31 -2.45
CA LEU A 65 -7.04 9.26 -2.43
C LEU A 65 -8.15 10.28 -2.71
N THR A 66 -9.16 10.29 -1.80
CA THR A 66 -10.31 11.18 -1.97
C THR A 66 -10.48 11.98 -0.71
N GLU A 67 -11.01 13.20 -0.87
CA GLU A 67 -11.19 14.12 0.26
C GLU A 67 -12.34 13.58 1.13
N THR A 68 -13.34 12.93 0.50
CA THR A 68 -14.51 12.48 1.24
C THR A 68 -14.67 10.97 1.12
N ARG A 69 -15.31 10.39 2.13
CA ARG A 69 -15.61 8.98 2.09
C ARG A 69 -16.65 8.64 1.02
N GLU A 70 -17.64 9.47 0.84
CA GLU A 70 -18.71 9.20 -0.16
C GLU A 70 -18.13 9.13 -1.59
N MET A 71 -17.14 9.95 -1.88
CA MET A 71 -16.50 9.90 -3.22
C MET A 71 -15.79 8.57 -3.48
N ALA A 72 -15.08 8.10 -2.46
CA ALA A 72 -14.44 6.80 -2.52
C ALA A 72 -15.47 5.70 -2.67
N GLU A 73 -16.59 5.77 -1.96
CA GLU A 73 -17.56 4.73 -2.03
C GLU A 73 -18.32 4.78 -3.37
N GLU A 74 -18.47 5.95 -3.96
CA GLU A 74 -19.14 6.07 -5.24
C GLU A 74 -18.28 5.33 -6.30
N ILE A 75 -16.98 5.53 -6.28
CA ILE A 75 -16.05 4.83 -7.19
C ILE A 75 -16.19 3.33 -6.95
N ALA A 76 -16.11 2.95 -5.67
CA ALA A 76 -16.22 1.56 -5.26
C ALA A 76 -17.52 0.93 -5.78
N ASP A 77 -18.65 1.57 -5.48
CA ASP A 77 -19.99 1.07 -5.85
C ASP A 77 -20.15 0.93 -7.36
N ARG A 78 -19.66 1.92 -8.12
CA ARG A 78 -19.83 1.92 -9.56
C ARG A 78 -18.97 0.86 -10.24
N VAL A 79 -17.73 0.70 -9.78
CA VAL A 79 -16.85 -0.34 -10.30
C VAL A 79 -17.47 -1.72 -9.99
N ALA A 80 -17.94 -1.93 -8.74
CA ALA A 80 -18.37 -3.30 -8.35
C ALA A 80 -19.65 -3.67 -9.02
N VAL A 81 -20.59 -2.76 -9.04
CA VAL A 81 -21.84 -3.05 -9.71
C VAL A 81 -21.62 -3.33 -11.19
N LYS A 82 -20.81 -2.53 -11.89
CA LYS A 82 -20.60 -2.71 -13.34
C LYS A 82 -19.82 -4.02 -13.64
N TYR A 83 -18.89 -4.41 -12.78
CA TYR A 83 -17.90 -5.44 -13.12
C TYR A 83 -17.79 -6.67 -12.24
N PHE A 84 -18.13 -6.62 -10.97
CA PHE A 84 -17.66 -7.71 -10.11
C PHE A 84 -18.53 -8.94 -10.15
N ASN A 85 -19.63 -8.91 -10.89
CA ASN A 85 -20.33 -10.16 -11.20
C ASN A 85 -19.61 -10.97 -12.24
N ASP A 86 -18.79 -10.32 -13.03
CA ASP A 86 -18.15 -10.96 -14.18
C ASP A 86 -16.63 -11.06 -14.14
N TYR A 87 -16.01 -10.17 -13.38
CA TYR A 87 -14.57 -10.12 -13.24
C TYR A 87 -14.21 -10.25 -11.76
N ALA A 88 -13.05 -10.79 -11.46
CA ALA A 88 -12.57 -10.91 -10.07
C ALA A 88 -12.12 -9.56 -9.59
N GLY A 89 -12.31 -9.29 -8.31
CA GLY A 89 -11.81 -8.06 -7.71
C GLY A 89 -12.04 -7.94 -6.22
N ILE A 90 -11.26 -7.06 -5.61
CA ILE A 90 -11.44 -6.67 -4.22
C ILE A 90 -11.29 -5.14 -4.18
N ILE A 91 -12.11 -4.50 -3.37
CA ILE A 91 -12.00 -3.08 -3.10
C ILE A 91 -12.04 -2.85 -1.62
N TYR A 92 -11.03 -2.13 -1.10
CA TYR A 92 -10.98 -1.80 0.28
C TYR A 92 -10.54 -0.37 0.51
N ILE A 93 -10.66 0.09 1.73
CA ILE A 93 -10.42 1.47 2.02
C ILE A 93 -9.63 1.63 3.35
N CYS A 94 -8.71 2.61 3.42
CA CYS A 94 -7.80 2.87 4.53
C CYS A 94 -7.91 4.36 4.82
N SER A 95 -7.60 4.78 6.05
CA SER A 95 -7.47 6.21 6.33
CA SER A 95 -7.46 6.20 6.34
C SER A 95 -6.08 6.65 5.89
N ALA A 96 -5.95 7.91 5.55
CA ALA A 96 -4.63 8.48 5.26
C ALA A 96 -4.71 9.96 5.56
N GLU A 97 -3.57 10.61 5.60
CA GLU A 97 -3.55 12.03 5.55
C GLU A 97 -2.62 12.50 4.46
N VAL A 98 -3.05 13.51 3.71
CA VAL A 98 -2.16 14.05 2.66
C VAL A 98 -1.34 15.22 3.25
N LEU A 99 -0.03 15.16 3.11
CA LEU A 99 0.88 16.17 3.59
C LEU A 99 1.18 17.24 2.55
N TYR A 100 1.37 16.77 1.30
CA TYR A 100 1.68 17.64 0.16
C TYR A 100 0.95 17.14 -1.07
N GLY A 101 0.31 18.08 -1.80
CA GLY A 101 -0.38 17.69 -3.02
C GLY A 101 -1.21 18.83 -3.54
N HIS A 102 -0.67 19.51 -4.53
CA HIS A 102 -1.23 20.80 -4.93
C HIS A 102 -2.68 20.64 -5.35
N THR A 103 -3.00 19.61 -6.11
CA THR A 103 -4.39 19.46 -6.56
C THR A 103 -5.31 18.92 -5.43
N PHE A 104 -4.75 18.08 -4.57
CA PHE A 104 -5.54 17.51 -3.49
C PHE A 104 -5.88 18.56 -2.42
N CYS A 105 -4.90 19.39 -2.06
CA CYS A 105 -5.03 20.31 -0.96
C CYS A 105 -5.40 21.72 -1.38
N GLY A 106 -5.20 22.04 -2.66
CA GLY A 106 -5.35 23.38 -3.15
C GLY A 106 -4.09 24.20 -2.93
N PRO A 107 -4.11 25.47 -3.36
CA PRO A 107 -2.90 26.30 -3.34
C PRO A 107 -2.43 26.77 -1.94
N GLU A 108 -3.34 26.85 -0.97
CA GLU A 108 -3.02 27.08 0.45
C GLU A 108 -2.23 25.93 1.12
N GLY A 109 -2.18 24.78 0.48
CA GLY A 109 -1.50 23.63 1.06
C GLY A 109 -2.42 22.85 1.97
N CYS A 110 -1.82 21.82 2.55
CA CYS A 110 -2.53 20.78 3.28
C CYS A 110 -2.58 21.10 4.80
N SER A 111 -2.12 22.28 5.20
CA SER A 111 -1.93 22.67 6.63
C SER A 111 -0.92 21.76 7.32
N ALA B 2 -19.42 -2.43 5.04
CA ALA B 2 -17.95 -2.69 5.01
C ALA B 2 -17.63 -3.75 6.06
N LYS B 3 -16.68 -4.58 5.74
CA LYS B 3 -16.11 -5.58 6.62
C LYS B 3 -14.74 -5.20 7.13
N PRO B 4 -14.55 -5.13 8.46
CA PRO B 4 -13.23 -4.92 9.07
C PRO B 4 -12.19 -5.90 8.57
N ALA B 5 -10.97 -5.41 8.30
CA ALA B 5 -9.91 -6.24 7.82
C ALA B 5 -8.55 -5.76 8.34
N ASN B 6 -7.59 -6.65 8.38
CA ASN B 6 -6.23 -6.25 8.66
C ASN B 6 -5.55 -6.39 7.29
N LYS B 7 -4.69 -5.45 6.94
CA LYS B 7 -3.96 -5.59 5.74
C LYS B 7 -2.50 -5.86 6.17
N LEU B 8 -2.02 -7.05 5.92
CA LEU B 8 -0.67 -7.42 6.23
C LEU B 8 0.17 -7.21 4.97
N VAL B 9 1.31 -6.60 5.16
CA VAL B 9 2.30 -6.35 4.17
C VAL B 9 3.59 -7.05 4.54
N ILE B 10 4.14 -7.76 3.55
CA ILE B 10 5.46 -8.42 3.67
C ILE B 10 6.30 -7.92 2.53
N VAL B 11 7.46 -7.30 2.81
CA VAL B 11 8.40 -6.92 1.80
C VAL B 11 9.68 -7.73 2.08
N THR B 12 10.08 -8.53 1.11
CA THR B 12 11.21 -9.44 1.35
C THR B 12 11.86 -9.83 0.08
N GLU B 13 12.75 -10.77 0.16
CA GLU B 13 13.53 -11.17 -1.04
C GLU B 13 12.71 -12.01 -1.94
N LYS B 14 12.87 -11.78 -3.25
CA LYS B 14 12.08 -12.54 -4.20
C LYS B 14 12.17 -14.00 -4.21
N ILE B 15 13.33 -14.56 -3.85
CA ILE B 15 13.50 -15.98 -3.76
C ILE B 15 12.51 -16.66 -2.81
N LEU B 16 11.88 -15.87 -1.93
CA LEU B 16 10.93 -16.43 -0.96
C LEU B 16 9.51 -16.44 -1.47
N LEU B 17 9.30 -15.96 -2.74
CA LEU B 17 7.94 -15.92 -3.29
C LEU B 17 7.11 -17.16 -3.10
N LYS B 18 7.54 -18.33 -3.53
CA LYS B 18 6.71 -19.51 -3.48
C LYS B 18 6.53 -19.98 -2.04
N LYS B 19 7.59 -19.87 -1.26
CA LYS B 19 7.47 -20.36 0.16
C LYS B 19 6.46 -19.48 0.92
N ILE B 20 6.46 -18.16 0.68
CA ILE B 20 5.53 -17.25 1.40
C ILE B 20 4.14 -17.43 0.85
N ALA B 21 4.01 -17.58 -0.48
CA ALA B 21 2.68 -17.93 -1.02
C ALA B 21 2.02 -19.16 -0.41
N LYS B 22 2.80 -20.23 -0.20
CA LYS B 22 2.27 -21.44 0.42
CA LYS B 22 2.35 -21.47 0.44
C LYS B 22 1.84 -21.19 1.86
N ILE B 23 2.66 -20.44 2.61
CA ILE B 23 2.26 -20.02 4.00
C ILE B 23 0.95 -19.28 3.99
N ILE B 24 0.82 -18.33 3.05
CA ILE B 24 -0.41 -17.62 2.96
C ILE B 24 -1.64 -18.55 2.70
N ASP B 25 -1.51 -19.40 1.71
CA ASP B 25 -2.52 -20.42 1.38
C ASP B 25 -2.82 -21.27 2.59
N GLU B 26 -1.79 -21.75 3.28
CA GLU B 26 -1.99 -22.55 4.48
C GLU B 26 -2.68 -21.84 5.65
N SER B 27 -2.67 -20.51 5.66
CA SER B 27 -3.19 -19.75 6.80
C SER B 27 -4.71 -19.71 6.83
N GLY B 28 -5.34 -20.03 5.71
CA GLY B 28 -6.75 -19.73 5.49
C GLY B 28 -7.12 -18.37 4.91
N ALA B 29 -6.14 -17.50 4.67
CA ALA B 29 -6.37 -16.25 3.94
C ALA B 29 -6.98 -16.56 2.59
N LYS B 30 -7.84 -15.67 2.14
CA LYS B 30 -8.71 -15.93 1.00
C LYS B 30 -7.99 -15.58 -0.25
N GLY B 31 -6.94 -14.80 -0.15
CA GLY B 31 -6.25 -14.28 -1.36
C GLY B 31 -5.04 -13.51 -0.99
N TYR B 32 -4.33 -13.03 -1.98
CA TYR B 32 -3.21 -12.10 -1.73
C TYR B 32 -2.86 -11.41 -3.04
N THR B 33 -2.20 -10.27 -2.86
CA THR B 33 -1.65 -9.52 -3.97
C THR B 33 -0.13 -9.49 -3.82
N VAL B 34 0.59 -9.60 -4.91
CA VAL B 34 2.04 -9.63 -4.87
C VAL B 34 2.52 -8.64 -5.95
N MET B 35 3.67 -8.01 -5.71
CA MET B 35 4.25 -7.09 -6.69
C MET B 35 5.74 -7.02 -6.61
N ASN B 36 6.36 -6.78 -7.75
CA ASN B 36 7.81 -6.63 -7.79
C ASN B 36 8.11 -5.20 -7.28
N THR B 37 9.11 -5.02 -6.40
CA THR B 37 9.45 -3.70 -5.91
C THR B 37 10.97 -3.65 -5.76
N GLY B 38 11.49 -2.43 -5.62
CA GLY B 38 12.88 -2.20 -5.35
C GLY B 38 12.95 -1.76 -3.90
N GLY B 39 14.06 -2.00 -3.30
CA GLY B 39 14.19 -1.59 -1.92
C GLY B 39 15.57 -1.51 -1.42
N LYS B 40 15.67 -0.79 -0.31
CA LYS B 40 16.92 -0.61 0.38
C LYS B 40 16.64 -0.74 1.87
N GLY B 41 17.54 -1.38 2.59
CA GLY B 41 17.35 -1.56 4.03
C GLY B 41 18.66 -1.31 4.76
N SER B 54 21.76 1.83 -7.58
CA SER B 54 22.86 0.90 -7.42
C SER B 54 22.97 0.24 -6.03
N ASP B 55 22.45 0.84 -4.95
CA ASP B 55 22.29 0.10 -3.67
C ASP B 55 20.89 -0.55 -3.48
N ILE B 56 20.01 -0.17 -4.36
CA ILE B 56 18.68 -0.77 -4.39
C ILE B 56 18.77 -2.25 -4.85
N GLU B 57 17.91 -3.08 -4.31
CA GLU B 57 17.80 -4.44 -4.71
C GLU B 57 16.39 -4.73 -5.13
N ALA B 58 16.24 -5.79 -5.89
CA ALA B 58 14.91 -6.18 -6.37
C ALA B 58 14.29 -7.03 -5.30
N ASN B 59 13.08 -6.69 -4.92
CA ASN B 59 12.33 -7.34 -3.81
CA ASN B 59 12.42 -7.55 -3.97
C ASN B 59 10.93 -7.71 -4.29
N ILE B 60 10.19 -8.35 -3.44
N ILE B 60 10.21 -8.25 -3.35
CA ILE B 60 8.76 -8.50 -3.66
CA ILE B 60 8.81 -8.68 -3.50
C ILE B 60 7.99 -8.05 -2.44
C ILE B 60 7.95 -8.13 -2.38
N LYS B 61 6.77 -7.58 -2.70
CA LYS B 61 5.87 -7.14 -1.67
C LYS B 61 4.60 -7.90 -1.79
N PHE B 62 4.18 -8.52 -0.68
CA PHE B 62 2.86 -9.16 -0.60
C PHE B 62 1.92 -8.29 0.24
N GLU B 63 0.65 -8.30 -0.14
CA GLU B 63 -0.43 -7.62 0.64
C GLU B 63 -1.51 -8.65 0.81
N ILE B 64 -1.87 -8.89 2.09
CA ILE B 64 -2.84 -9.89 2.37
C ILE B 64 -3.90 -9.29 3.29
N LEU B 65 -5.16 -9.30 2.85
CA LEU B 65 -6.26 -8.79 3.70
CA LEU B 65 -6.23 -8.79 3.71
C LEU B 65 -6.80 -10.00 4.47
N THR B 66 -6.84 -9.89 5.81
CA THR B 66 -7.39 -10.97 6.63
C THR B 66 -8.60 -10.45 7.46
N GLU B 67 -9.55 -11.33 7.75
CA GLU B 67 -10.67 -10.95 8.62
C GLU B 67 -10.26 -10.72 10.08
N THR B 68 -9.22 -11.39 10.55
CA THR B 68 -8.81 -11.27 11.95
C THR B 68 -7.33 -10.89 12.02
N ARG B 69 -6.99 -10.23 13.12
CA ARG B 69 -5.62 -9.89 13.39
C ARG B 69 -4.83 -11.18 13.64
N GLU B 70 -5.48 -12.18 14.25
CA GLU B 70 -4.79 -13.44 14.56
C GLU B 70 -4.32 -14.18 13.34
N MET B 71 -5.14 -14.15 12.27
CA MET B 71 -4.69 -14.77 11.03
C MET B 71 -3.50 -14.04 10.44
N ALA B 72 -3.56 -12.71 10.47
CA ALA B 72 -2.44 -11.91 9.94
C ALA B 72 -1.20 -12.23 10.72
N GLU B 73 -1.31 -12.31 12.06
CA GLU B 73 -0.11 -12.58 12.86
C GLU B 73 0.43 -14.00 12.65
N GLU B 74 -0.42 -15.00 12.42
CA GLU B 74 0.01 -16.33 12.09
C GLU B 74 0.91 -16.33 10.84
N ILE B 75 0.46 -15.64 9.78
CA ILE B 75 1.27 -15.58 8.61
C ILE B 75 2.62 -14.89 8.91
N ALA B 76 2.56 -13.72 9.54
CA ALA B 76 3.76 -12.93 9.87
C ALA B 76 4.73 -13.78 10.70
N ASP B 77 4.23 -14.42 11.72
CA ASP B 77 5.06 -15.19 12.67
C ASP B 77 5.72 -16.35 11.92
N ARG B 78 4.99 -17.01 11.02
CA ARG B 78 5.48 -18.22 10.30
C ARG B 78 6.56 -17.84 9.29
N VAL B 79 6.31 -16.75 8.57
CA VAL B 79 7.31 -16.25 7.64
C VAL B 79 8.57 -15.86 8.36
N ALA B 80 8.42 -15.06 9.44
CA ALA B 80 9.58 -14.56 10.13
C ALA B 80 10.38 -15.65 10.79
N VAL B 81 9.70 -16.58 11.50
CA VAL B 81 10.47 -17.62 12.22
C VAL B 81 11.25 -18.49 11.23
N LYS B 82 10.69 -18.72 10.06
CA LYS B 82 11.31 -19.59 9.07
C LYS B 82 12.44 -18.94 8.29
N TYR B 83 12.27 -17.67 7.96
CA TYR B 83 13.12 -17.01 6.97
C TYR B 83 13.84 -15.74 7.40
N PHE B 84 13.38 -15.05 8.42
CA PHE B 84 13.95 -13.71 8.65
C PHE B 84 15.31 -13.72 9.34
N ASN B 85 15.81 -14.89 9.71
CA ASN B 85 17.21 -15.03 10.14
C ASN B 85 18.15 -14.99 8.96
N ASP B 86 17.68 -15.46 7.83
CA ASP B 86 18.54 -15.60 6.66
C ASP B 86 18.24 -14.62 5.55
N TYR B 87 17.07 -13.97 5.58
CA TYR B 87 16.65 -13.16 4.44
C TYR B 87 16.19 -11.84 4.96
N ALA B 88 16.43 -10.78 4.19
CA ALA B 88 16.00 -9.43 4.55
C ALA B 88 14.51 -9.35 4.48
N GLY B 89 13.91 -8.58 5.37
CA GLY B 89 12.44 -8.41 5.26
C GLY B 89 11.84 -7.51 6.29
N ILE B 90 10.65 -7.00 5.97
CA ILE B 90 9.86 -6.28 6.91
C ILE B 90 8.42 -6.71 6.77
N ILE B 91 7.69 -6.72 7.91
CA ILE B 91 6.28 -7.08 7.90
C ILE B 91 5.56 -6.15 8.79
N TYR B 92 4.48 -5.59 8.26
CA TYR B 92 3.69 -4.64 8.98
C TYR B 92 2.25 -4.79 8.69
N ILE B 93 1.44 -4.21 9.52
CA ILE B 93 0.03 -4.41 9.42
C ILE B 93 -0.68 -3.01 9.54
N CYS B 94 -1.78 -2.86 8.80
CA CYS B 94 -2.57 -1.57 8.69
C CYS B 94 -4.02 -2.03 8.86
N SER B 95 -4.91 -1.17 9.30
CA SER B 95 -6.32 -1.47 9.39
C SER B 95 -6.87 -1.11 8.00
N ALA B 96 -7.93 -1.77 7.62
CA ALA B 96 -8.65 -1.51 6.39
C ALA B 96 -10.07 -1.96 6.54
N GLU B 97 -10.92 -1.52 5.64
CA GLU B 97 -12.28 -1.96 5.59
C GLU B 97 -12.46 -2.44 4.15
N VAL B 98 -12.96 -3.66 3.95
CA VAL B 98 -13.29 -4.19 2.62
C VAL B 98 -14.71 -3.84 2.23
N LEU B 99 -14.86 -3.17 1.07
CA LEU B 99 -16.10 -2.72 0.56
C LEU B 99 -16.73 -3.79 -0.31
N TYR B 100 -15.92 -4.45 -1.16
CA TYR B 100 -16.41 -5.47 -2.12
C TYR B 100 -15.35 -6.52 -2.23
N GLY B 101 -15.78 -7.77 -2.23
CA GLY B 101 -14.86 -8.88 -2.38
C GLY B 101 -15.60 -10.19 -2.18
N HIS B 102 -15.98 -10.83 -3.27
CA HIS B 102 -16.81 -12.05 -3.22
C HIS B 102 -16.20 -13.11 -2.30
N THR B 103 -14.91 -13.40 -2.40
CA THR B 103 -14.37 -14.41 -1.47
C THR B 103 -14.12 -13.86 -0.07
N PHE B 104 -13.71 -12.61 0.05
CA PHE B 104 -13.46 -12.08 1.37
C PHE B 104 -14.77 -11.94 2.19
N CYS B 105 -15.79 -11.39 1.59
CA CYS B 105 -17.01 -11.09 2.35
C CYS B 105 -18.05 -12.17 2.32
N GLY B 106 -17.92 -13.08 1.37
CA GLY B 106 -18.92 -14.13 1.20
C GLY B 106 -20.07 -13.65 0.29
N PRO B 107 -21.05 -14.54 0.06
CA PRO B 107 -22.09 -14.23 -0.90
C PRO B 107 -22.98 -13.05 -0.53
N GLU B 108 -23.24 -12.81 0.76
CA GLU B 108 -24.13 -11.73 1.19
C GLU B 108 -23.45 -10.36 1.09
N GLY B 109 -22.19 -10.33 0.65
CA GLY B 109 -21.45 -9.08 0.46
C GLY B 109 -20.91 -8.52 1.74
N CYS B 110 -20.21 -7.36 1.65
CA CYS B 110 -19.53 -6.79 2.81
C CYS B 110 -20.45 -5.80 3.64
N SER B 111 -21.67 -5.57 3.22
CA SER B 111 -22.58 -4.59 3.85
C SER B 111 -23.92 -5.24 4.11
N ALA B 112 -23.87 -6.49 4.59
CA ALA B 112 -25.09 -7.22 4.88
C ALA B 112 -25.78 -6.60 6.12
N TRP B 113 -27.10 -6.60 6.14
CA TRP B 113 -27.86 -6.10 7.30
C TRP B 113 -28.22 -7.27 8.21
N SER B 114 -28.69 -6.98 9.42
CA SER B 114 -29.21 -8.01 10.34
C SER B 114 -30.59 -8.47 9.89
N ALA C 2 4.21 -5.24 18.61
CA ALA C 2 4.29 -4.50 17.32
C ALA C 2 4.81 -3.12 17.71
N LYS C 3 5.55 -2.50 16.80
CA LYS C 3 6.06 -1.16 16.97
C LYS C 3 5.24 -0.21 16.08
N PRO C 4 4.69 0.86 16.67
CA PRO C 4 4.04 1.92 15.88
C PRO C 4 4.92 2.51 14.87
N ALA C 5 4.36 2.74 13.69
CA ALA C 5 5.07 3.26 12.59
C ALA C 5 4.21 4.22 11.80
N ASN C 6 4.83 5.11 11.01
CA ASN C 6 4.17 5.96 10.13
C ASN C 6 4.63 5.44 8.74
N LYS C 7 3.71 5.23 7.84
CA LYS C 7 4.06 4.81 6.46
C LYS C 7 3.89 6.02 5.59
N LEU C 8 5.02 6.58 5.21
CA LEU C 8 5.08 7.76 4.34
C LEU C 8 5.11 7.28 2.91
N VAL C 9 4.23 7.82 2.08
CA VAL C 9 4.18 7.43 0.67
C VAL C 9 4.39 8.70 -0.14
N ILE C 10 5.23 8.55 -1.17
CA ILE C 10 5.59 9.65 -2.09
C ILE C 10 5.31 9.08 -3.47
N VAL C 11 4.44 9.69 -4.28
CA VAL C 11 4.23 9.25 -5.67
C VAL C 11 4.65 10.45 -6.51
N THR C 12 5.56 10.22 -7.45
CA THR C 12 6.09 11.35 -8.18
C THR C 12 6.70 10.89 -9.46
N GLU C 13 7.33 11.82 -10.13
CA GLU C 13 7.93 11.54 -11.41
C GLU C 13 9.15 10.65 -11.25
N LYS C 14 9.25 9.66 -12.14
CA LYS C 14 10.32 8.66 -12.09
C LYS C 14 11.72 9.30 -12.16
N ILE C 15 11.87 10.41 -12.88
CA ILE C 15 13.14 11.10 -12.93
C ILE C 15 13.69 11.58 -11.61
N LEU C 16 12.87 11.63 -10.55
CA LEU C 16 13.35 12.09 -9.25
C LEU C 16 13.80 10.92 -8.33
N LEU C 17 13.85 9.70 -8.88
CA LEU C 17 14.15 8.53 -8.05
C LEU C 17 15.43 8.70 -7.23
N LYS C 18 16.56 9.05 -7.88
CA LYS C 18 17.86 9.12 -7.18
C LYS C 18 17.84 10.29 -6.19
N LYS C 19 17.23 11.37 -6.64
CA LYS C 19 17.15 12.61 -5.82
C LYS C 19 16.40 12.38 -4.53
N ILE C 20 15.27 11.67 -4.61
CA ILE C 20 14.47 11.38 -3.47
C ILE C 20 15.07 10.29 -2.57
N ALA C 21 15.70 9.32 -3.18
CA ALA C 21 16.35 8.25 -2.41
C ALA C 21 17.45 8.87 -1.57
N LYS C 22 18.15 9.85 -2.10
CA LYS C 22 19.23 10.48 -1.39
C LYS C 22 18.70 11.19 -0.13
N ILE C 23 17.60 11.90 -0.27
CA ILE C 23 16.96 12.51 0.91
C ILE C 23 16.55 11.46 1.95
N ILE C 24 15.96 10.37 1.48
CA ILE C 24 15.57 9.29 2.40
C ILE C 24 16.77 8.73 3.07
N ASP C 25 17.82 8.49 2.33
CA ASP C 25 19.05 7.97 2.88
C ASP C 25 19.67 8.89 3.99
N GLU C 26 19.57 10.21 3.80
CA GLU C 26 20.06 11.21 4.76
C GLU C 26 19.20 11.40 6.00
N SER C 27 17.93 11.02 5.90
CA SER C 27 16.92 11.28 6.91
C SER C 27 17.06 10.49 8.19
N GLY C 28 17.76 9.39 8.14
CA GLY C 28 17.67 8.51 9.27
C GLY C 28 16.70 7.37 9.12
N ALA C 29 15.78 7.40 8.14
CA ALA C 29 14.90 6.26 7.89
C ALA C 29 15.78 5.02 7.66
N LYS C 30 15.29 3.86 8.02
CA LYS C 30 16.09 2.66 8.02
C LYS C 30 16.01 1.90 6.70
N GLY C 31 15.11 2.32 5.83
CA GLY C 31 14.95 1.67 4.49
C GLY C 31 13.85 2.35 3.74
N TYR C 32 13.56 1.83 2.55
CA TYR C 32 12.49 2.32 1.77
C TYR C 32 12.16 1.22 0.72
N THR C 33 10.93 1.25 0.23
CA THR C 33 10.56 0.44 -0.92
C THR C 33 10.23 1.42 -2.03
N VAL C 34 10.52 1.07 -3.28
CA VAL C 34 10.14 1.96 -4.35
C VAL C 34 9.62 1.07 -5.48
N MET C 35 8.66 1.55 -6.27
CA MET C 35 8.10 0.72 -7.31
CA MET C 35 8.21 0.72 -7.37
C MET C 35 7.67 1.59 -8.44
N ASN C 36 7.67 1.02 -9.64
CA ASN C 36 7.20 1.69 -10.83
C ASN C 36 5.67 1.70 -10.84
N THR C 37 5.07 2.87 -11.09
CA THR C 37 3.64 2.97 -11.14
C THR C 37 3.21 3.83 -12.28
N GLY C 38 1.91 3.86 -12.54
CA GLY C 38 1.34 4.77 -13.51
C GLY C 38 0.46 5.74 -12.78
N GLY C 39 0.14 6.86 -13.38
CA GLY C 39 -0.88 7.65 -12.76
C GLY C 39 -1.28 8.85 -13.51
N LYS C 40 -2.24 9.56 -12.96
CA LYS C 40 -2.45 10.97 -13.35
C LYS C 40 -2.88 11.79 -12.13
N GLY C 41 -2.74 13.11 -12.19
CA GLY C 41 -3.17 13.93 -11.01
C GLY C 41 -2.95 15.42 -10.88
N ILE C 56 -2.34 8.03 -18.61
CA ILE C 56 -1.47 7.49 -17.56
C ILE C 56 -0.02 7.82 -17.93
N GLU C 57 0.79 8.34 -17.00
CA GLU C 57 2.24 8.39 -17.21
C GLU C 57 2.94 7.36 -16.30
N ALA C 58 4.09 6.83 -16.71
CA ALA C 58 4.91 5.94 -15.87
C ALA C 58 5.64 6.79 -14.85
N ASN C 59 5.44 6.51 -13.55
CA ASN C 59 6.03 7.25 -12.46
C ASN C 59 6.52 6.33 -11.38
N ILE C 60 6.79 6.84 -10.19
CA ILE C 60 7.28 6.03 -9.09
C ILE C 60 6.61 6.31 -7.77
N LYS C 61 6.58 5.26 -6.96
CA LYS C 61 5.98 5.36 -5.63
C LYS C 61 7.02 4.83 -4.62
N PHE C 62 7.34 5.67 -3.65
CA PHE C 62 8.17 5.25 -2.51
C PHE C 62 7.25 4.99 -1.32
N GLU C 63 7.61 3.99 -0.53
CA GLU C 63 7.01 3.83 0.80
C GLU C 63 8.12 3.73 1.82
N ILE C 64 8.01 4.53 2.91
CA ILE C 64 9.04 4.66 3.87
C ILE C 64 8.32 4.47 5.25
N LEU C 65 8.68 3.44 5.98
CA LEU C 65 8.19 3.27 7.37
CA LEU C 65 8.17 3.32 7.35
C LEU C 65 9.15 4.00 8.28
N THR C 66 8.60 4.88 9.16
CA THR C 66 9.40 5.64 10.13
C THR C 66 8.87 5.36 11.53
N GLU C 67 9.77 5.43 12.49
CA GLU C 67 9.41 5.18 13.93
C GLU C 67 8.59 6.39 14.46
N THR C 68 8.87 7.60 13.99
CA THR C 68 8.25 8.81 14.50
C THR C 68 7.54 9.51 13.34
N ARG C 69 6.45 10.14 13.68
CA ARG C 69 5.77 11.06 12.76
C ARG C 69 6.70 12.22 12.34
N GLU C 70 7.51 12.72 13.29
CA GLU C 70 8.43 13.83 13.01
CA GLU C 70 8.44 13.81 13.05
C GLU C 70 9.40 13.46 11.88
N MET C 71 9.96 12.25 11.89
CA MET C 71 10.89 11.84 10.78
C MET C 71 10.13 11.80 9.46
N ALA C 72 8.92 11.24 9.45
CA ALA C 72 8.11 11.22 8.24
C ALA C 72 7.88 12.62 7.68
N GLU C 73 7.47 13.54 8.54
CA GLU C 73 7.19 14.88 8.12
C GLU C 73 8.48 15.63 7.64
N GLU C 74 9.65 15.40 8.24
CA GLU C 74 10.90 16.02 7.78
C GLU C 74 11.24 15.53 6.39
N ILE C 75 11.08 14.23 6.15
CA ILE C 75 11.26 13.70 4.79
C ILE C 75 10.28 14.38 3.80
N ALA C 76 9.01 14.43 4.17
CA ALA C 76 7.93 15.00 3.37
C ALA C 76 8.25 16.45 3.05
N ASP C 77 8.64 17.22 4.08
CA ASP C 77 8.89 18.65 3.92
C ASP C 77 10.07 18.86 2.97
N ARG C 78 11.13 18.08 3.16
CA ARG C 78 12.41 18.26 2.44
C ARG C 78 12.13 17.95 0.96
N VAL C 79 11.40 16.86 0.71
CA VAL C 79 11.07 16.42 -0.65
C VAL C 79 10.12 17.41 -1.30
N ALA C 80 9.07 17.84 -0.61
CA ALA C 80 8.10 18.72 -1.25
C ALA C 80 8.62 20.08 -1.56
N VAL C 81 9.39 20.69 -0.64
CA VAL C 81 9.89 22.00 -0.83
C VAL C 81 10.95 21.98 -1.94
N LYS C 82 11.77 20.93 -1.97
CA LYS C 82 12.87 20.92 -2.96
C LYS C 82 12.35 20.66 -4.37
N TYR C 83 11.29 19.90 -4.53
CA TYR C 83 10.88 19.40 -5.85
C TYR C 83 9.45 19.64 -6.24
N PHE C 84 8.50 19.70 -5.32
CA PHE C 84 7.07 19.62 -5.73
C PHE C 84 6.39 20.93 -6.15
N ASN C 85 7.14 22.02 -6.15
CA ASN C 85 6.71 23.18 -6.90
C ASN C 85 7.22 23.19 -8.33
N ASP C 86 8.06 22.24 -8.68
CA ASP C 86 8.62 22.16 -10.02
C ASP C 86 8.27 20.82 -10.76
N TYR C 87 7.99 19.80 -9.98
CA TYR C 87 7.67 18.43 -10.46
C TYR C 87 6.36 17.99 -9.82
N ALA C 88 5.64 17.07 -10.46
CA ALA C 88 4.39 16.57 -9.93
C ALA C 88 4.71 15.61 -8.80
N GLY C 89 3.93 15.73 -7.74
CA GLY C 89 4.13 14.85 -6.55
C GLY C 89 2.99 14.90 -5.59
N ILE C 90 2.71 13.75 -4.94
CA ILE C 90 1.81 13.71 -3.80
C ILE C 90 2.54 12.97 -2.67
N ILE C 91 2.29 13.40 -1.45
CA ILE C 91 2.88 12.77 -0.28
C ILE C 91 1.80 12.60 0.76
N TYR C 92 1.64 11.38 1.25
CA TYR C 92 0.68 11.06 2.27
C TYR C 92 1.22 10.13 3.25
N ILE C 93 0.52 10.02 4.37
CA ILE C 93 0.98 9.19 5.45
C ILE C 93 -0.21 8.38 6.00
N CYS C 94 0.08 7.12 6.34
CA CYS C 94 -0.90 6.12 6.91
C CYS C 94 -0.26 5.61 8.22
N SER C 95 -1.09 5.16 9.15
CA SER C 95 -0.58 4.50 10.32
C SER C 95 -0.25 3.07 9.96
N ALA C 96 0.74 2.52 10.62
CA ALA C 96 1.06 1.08 10.49
C ALA C 96 1.63 0.59 11.78
N GLU C 97 1.62 -0.70 11.94
CA GLU C 97 2.38 -1.32 13.02
C GLU C 97 3.37 -2.34 12.47
N VAL C 98 4.63 -2.22 12.87
CA VAL C 98 5.66 -3.16 12.41
C VAL C 98 5.72 -4.37 13.29
N LEU C 99 5.56 -5.57 12.70
CA LEU C 99 5.63 -6.81 13.44
C LEU C 99 6.99 -7.46 13.40
N TYR C 100 7.67 -7.34 12.27
CA TYR C 100 9.05 -7.87 12.12
C TYR C 100 9.81 -6.91 11.29
N GLY C 101 11.05 -6.63 11.69
CA GLY C 101 11.83 -5.73 10.89
C GLY C 101 13.16 -5.49 11.61
N HIS C 102 14.22 -6.18 11.22
CA HIS C 102 15.44 -6.16 12.05
C HIS C 102 15.98 -4.78 12.31
N THR C 103 16.10 -4.00 11.25
CA THR C 103 16.66 -2.67 11.35
C THR C 103 15.61 -1.69 11.87
N PHE C 104 14.33 -1.89 11.53
CA PHE C 104 13.26 -1.00 12.02
C PHE C 104 13.09 -1.12 13.50
N CYS C 105 12.94 -2.32 14.02
CA CYS C 105 12.67 -2.45 15.42
C CYS C 105 13.94 -2.55 16.26
N GLY C 106 15.09 -2.82 15.63
CA GLY C 106 16.40 -2.91 16.36
C GLY C 106 16.67 -4.32 16.78
N PRO C 107 17.76 -4.54 17.58
CA PRO C 107 17.99 -5.88 18.15
C PRO C 107 16.96 -6.15 19.24
N GLU C 108 16.48 -5.08 19.88
CA GLU C 108 15.37 -5.11 20.85
C GLU C 108 14.06 -5.75 20.32
N GLY C 109 13.93 -5.95 18.98
CA GLY C 109 12.75 -6.61 18.38
C GLY C 109 11.56 -5.69 18.39
N CYS C 110 10.44 -6.14 17.83
CA CYS C 110 9.30 -5.26 17.64
C CYS C 110 8.36 -5.15 18.84
N SER C 111 8.91 -5.22 20.07
CA SER C 111 8.11 -5.27 21.34
C SER C 111 6.77 -6.07 21.21
N ALA C 112 6.98 -7.36 21.05
CA ALA C 112 5.96 -8.31 20.70
C ALA C 112 4.74 -8.26 21.63
N TRP C 113 4.96 -7.98 22.92
CA TRP C 113 3.86 -7.99 23.94
C TRP C 113 3.22 -6.64 24.29
N SER C 114 3.38 -5.66 23.42
CA SER C 114 2.79 -4.36 23.64
C SER C 114 1.59 -4.13 22.73
#